data_5NMA
#
_entry.id   5NMA
#
_cell.length_a   66.175
_cell.length_b   66.175
_cell.length_c   262.859
_cell.angle_alpha   90.00
_cell.angle_beta   90.00
_cell.angle_gamma   120.00
#
_symmetry.space_group_name_H-M   'P 65 2 2'
#
loop_
_entity.id
_entity.type
_entity.pdbx_description
1 polymer 'Vitamin D3 receptor A'
2 polymer 'Nuclear receptor coactivator 1'
3 non-polymer (1~{R},3~{S},5~{Z})-5-[(2~{E})-2-[(1~{R},3~{a}~{S},7~{a}~{R})-7~{a}-methyl-1-[(1~{S})-1-[(2~{S},5~{S})-5-(2-oxidanylpropan-2-yl)oxolan-2-yl]ethyl]-2,3,3~{a},5,6,7-hexahydro-1~{H}-inden-4-ylidene]ethylidene]-4-methylidene-cyclohexane-1,3-diol
4 water water
#
loop_
_entity_poly.entity_id
_entity_poly.type
_entity_poly.pdbx_seq_one_letter_code
_entity_poly.pdbx_strand_id
1 'polypeptide(L)'
;GSHMLSDEQMQIINSLVEAHHKTYDDSYSDFVRFRPPVREGPVTRSASRAASLHSLSDASSDSFNHSPESVDTKLNFSNL
LMMYQDSGSPDSSEEDQQSRLSMLPHLADLVSYSIQKVIGFAKMIPGFRDLTAEDQIALLKSSAIEIIMLRSNQSFSLED
MSWSCGGPDFKYCINDVTKAGHTLELLEPLVKFQVGLKKLKLHEEEHVLLMAICLLSPDRPGVQDHVRIEALQDRLCDVL
QAYIRIQHPGGRLLYAKMIQKLADLRSLNEEHSKQYRSLSFQPEHSMQLTPLVLEVFGSEVS
;
A
2 'polypeptide(L)' RHKILHRLLQEGSPS B
#
loop_
_chem_comp.id
_chem_comp.type
_chem_comp.name
_chem_comp.formula
9CW non-polymer (1~{R},3~{S},5~{Z})-5-[(2~{E})-2-[(1~{R},3~{a}~{S},7~{a}~{R})-7~{a}-methyl-1-[(1~{S})-1-[(2~{S},5~{S})-5-(2-oxidanylpropan-2-yl)oxolan-2-yl]ethyl]-2,3,3~{a},5,6,7-hexahydro-1~{H}-inden-4-ylidene]ethylidene]-4-methylidene-cyclohexane-1,3-diol 'C28 H44 O4'
#
# COMPACT_ATOMS: atom_id res chain seq x y z
N HIS A 3 -9.83 30.04 -8.35
CA HIS A 3 -8.89 29.03 -8.76
C HIS A 3 -9.62 27.68 -8.87
N MET A 4 -9.36 26.95 -9.96
CA MET A 4 -10.14 25.79 -10.34
C MET A 4 -9.23 24.76 -11.04
N LEU A 5 -9.62 23.48 -10.99
CA LEU A 5 -8.82 22.38 -11.53
C LEU A 5 -8.97 22.21 -13.04
N SER A 6 -7.83 22.13 -13.74
CA SER A 6 -7.80 21.82 -15.16
C SER A 6 -8.54 20.55 -15.52
N ASP A 7 -8.91 20.42 -16.80
CA ASP A 7 -9.60 19.22 -17.25
C ASP A 7 -8.72 17.99 -17.13
N GLU A 8 -7.40 18.17 -17.21
CA GLU A 8 -6.54 16.99 -17.19
C GLU A 8 -6.32 16.49 -15.76
N GLN A 9 -6.35 17.38 -14.76
CA GLN A 9 -6.25 16.90 -13.39
C GLN A 9 -7.52 16.17 -12.93
N MET A 10 -8.69 16.50 -13.49
CA MET A 10 -9.87 15.67 -13.25
C MET A 10 -9.75 14.36 -13.98
N GLN A 11 -9.31 14.44 -15.25
CA GLN A 11 -9.04 13.22 -16.00
C GLN A 11 -8.14 12.30 -15.18
N ILE A 12 -7.15 12.87 -14.50
CA ILE A 12 -6.30 12.09 -13.60
C ILE A 12 -7.13 11.58 -12.42
N ILE A 13 -7.78 12.48 -11.67
CA ILE A 13 -8.56 12.04 -10.52
C ILE A 13 -9.51 10.91 -10.90
N ASN A 14 -10.19 11.06 -12.04
CA ASN A 14 -11.12 10.05 -12.50
C ASN A 14 -10.41 8.71 -12.73
N SER A 15 -9.26 8.74 -13.41
CA SER A 15 -8.49 7.52 -13.62
C SER A 15 -8.11 6.86 -12.30
N LEU A 16 -7.65 7.64 -11.33
CA LEU A 16 -7.15 7.04 -10.10
C LEU A 16 -8.27 6.42 -9.26
N VAL A 17 -9.47 7.00 -9.23
CA VAL A 17 -10.51 6.42 -8.37
C VAL A 17 -11.14 5.21 -9.06
N GLU A 18 -11.30 5.26 -10.38
CA GLU A 18 -11.81 4.08 -11.06
C GLU A 18 -10.82 2.92 -10.95
N ALA A 19 -9.52 3.22 -10.96
CA ALA A 19 -8.53 2.18 -10.74
C ALA A 19 -8.64 1.59 -9.34
N HIS A 20 -8.84 2.45 -8.33
CA HIS A 20 -8.96 1.93 -6.97
C HIS A 20 -10.21 1.09 -6.81
N HIS A 21 -11.30 1.49 -7.46
CA HIS A 21 -12.54 0.72 -7.32
C HIS A 21 -12.42 -0.62 -8.03
N LYS A 22 -11.60 -0.71 -9.09
CA LYS A 22 -11.39 -1.98 -9.77
C LYS A 22 -10.54 -2.93 -8.94
N THR A 23 -9.57 -2.40 -8.18
CA THR A 23 -8.63 -3.20 -7.42
C THR A 23 -8.97 -3.31 -5.94
N TYR A 24 -10.17 -2.88 -5.53
CA TYR A 24 -10.53 -2.97 -4.12
C TYR A 24 -11.96 -3.49 -4.00
N ASP A 25 -12.10 -4.65 -3.35
CA ASP A 25 -13.39 -5.30 -3.12
C ASP A 25 -13.85 -4.89 -1.72
N ASP A 26 -14.92 -4.09 -1.66
CA ASP A 26 -15.41 -3.69 -0.34
C ASP A 26 -16.16 -4.82 0.36
N SER A 27 -16.51 -5.88 -0.37
CA SER A 27 -17.13 -7.06 0.24
C SER A 27 -16.13 -7.96 0.96
N TYR A 28 -14.85 -7.89 0.59
CA TYR A 28 -13.83 -8.77 1.15
C TYR A 28 -14.24 -10.22 0.98
N SER A 29 -14.90 -10.50 -0.14
CA SER A 29 -15.47 -11.81 -0.35
C SER A 29 -14.45 -12.79 -0.92
N ASP A 30 -13.30 -12.29 -1.36
CA ASP A 30 -12.25 -13.23 -1.73
C ASP A 30 -11.47 -13.74 -0.52
N PHE A 31 -11.70 -13.20 0.68
CA PHE A 31 -10.93 -13.64 1.84
C PHE A 31 -11.24 -15.08 2.24
N VAL A 32 -12.36 -15.63 1.79
CA VAL A 32 -12.65 -17.03 2.07
C VAL A 32 -11.71 -17.95 1.30
N ARG A 33 -11.01 -17.46 0.29
CA ARG A 33 -10.16 -18.34 -0.49
C ARG A 33 -8.73 -18.35 0.01
N PHE A 34 -8.43 -17.58 1.04
CA PHE A 34 -7.13 -17.66 1.69
C PHE A 34 -7.08 -18.89 2.56
N ARG A 35 -5.88 -19.27 2.95
CA ARG A 35 -5.77 -20.24 4.02
C ARG A 35 -6.41 -19.66 5.27
N PRO A 36 -7.25 -20.43 5.96
CA PRO A 36 -8.05 -19.85 7.03
C PRO A 36 -7.18 -19.32 8.15
N PRO A 37 -7.64 -18.29 8.87
CA PRO A 37 -6.92 -17.85 10.06
C PRO A 37 -7.02 -18.90 11.15
N VAL A 38 -6.00 -18.94 12.01
CA VAL A 38 -5.98 -19.84 13.15
C VAL A 38 -5.41 -19.07 14.34
N ARG A 39 -6.16 -19.01 15.44
CA ARG A 39 -5.74 -18.23 16.59
C ARG A 39 -5.60 -19.09 17.85
N ARG A 100 5.75 -21.78 16.25
CA ARG A 100 4.50 -21.04 16.47
C ARG A 100 3.96 -20.44 15.17
N LEU A 101 3.45 -19.19 15.28
CA LEU A 101 3.00 -18.33 14.19
C LEU A 101 1.76 -18.85 13.46
N SER A 102 0.66 -18.96 14.20
CA SER A 102 -0.56 -19.55 13.67
C SER A 102 -1.17 -18.72 12.55
N MET A 103 -1.08 -17.40 12.66
CA MET A 103 -1.74 -16.52 11.70
C MET A 103 -0.91 -16.28 10.46
N LEU A 104 0.36 -16.73 10.43
CA LEU A 104 1.22 -16.45 9.28
C LEU A 104 0.63 -16.93 7.96
N PRO A 105 0.18 -18.20 7.82
CA PRO A 105 -0.42 -18.58 6.53
C PRO A 105 -1.49 -17.63 6.03
N HIS A 106 -2.56 -17.41 6.81
CA HIS A 106 -3.66 -16.56 6.39
C HIS A 106 -3.21 -15.11 6.10
N LEU A 107 -2.29 -14.58 6.88
CA LEU A 107 -1.87 -13.22 6.58
C LEU A 107 -0.91 -13.18 5.39
N ALA A 108 -0.16 -14.26 5.18
CA ALA A 108 0.70 -14.31 4.00
C ALA A 108 -0.12 -14.31 2.71
N ASP A 109 -1.22 -15.09 2.65
CA ASP A 109 -2.10 -14.97 1.49
C ASP A 109 -2.76 -13.59 1.43
N LEU A 110 -3.19 -13.05 2.57
CA LEU A 110 -3.76 -11.70 2.57
C LEU A 110 -2.82 -10.71 1.88
N VAL A 111 -1.55 -10.70 2.29
CA VAL A 111 -0.58 -9.81 1.67
C VAL A 111 -0.41 -10.14 0.19
N SER A 112 -0.22 -11.43 -0.13
CA SER A 112 0.04 -11.78 -1.52
C SER A 112 -1.09 -11.33 -2.42
N TYR A 113 -2.33 -11.51 -1.96
CA TYR A 113 -3.51 -11.02 -2.66
C TYR A 113 -3.46 -9.50 -2.83
N SER A 114 -3.09 -8.79 -1.76
CA SER A 114 -3.07 -7.32 -1.80
C SER A 114 -2.03 -6.82 -2.77
N ILE A 115 -0.87 -7.49 -2.84
CA ILE A 115 0.16 -7.13 -3.81
C ILE A 115 -0.38 -7.25 -5.23
N GLN A 116 -1.17 -8.29 -5.50
CA GLN A 116 -1.78 -8.41 -6.81
C GLN A 116 -2.70 -7.23 -7.10
N LYS A 117 -3.38 -6.74 -6.06
CA LYS A 117 -4.28 -5.60 -6.23
C LYS A 117 -3.49 -4.31 -6.42
N VAL A 118 -2.41 -4.13 -5.65
CA VAL A 118 -1.57 -2.94 -5.80
C VAL A 118 -0.95 -2.90 -7.19
N ILE A 119 -0.59 -4.05 -7.75
CA ILE A 119 -0.01 -4.09 -9.08
C ILE A 119 -1.03 -3.63 -10.11
N GLY A 120 -2.28 -4.11 -10.01
CA GLY A 120 -3.31 -3.68 -10.94
C GLY A 120 -3.59 -2.19 -10.85
N PHE A 121 -3.51 -1.63 -9.64
CA PHE A 121 -3.72 -0.20 -9.45
C PHE A 121 -2.60 0.62 -10.11
N ALA A 122 -1.34 0.23 -9.89
CA ALA A 122 -0.22 0.95 -10.48
C ALA A 122 -0.26 0.90 -12.00
N LYS A 123 -0.67 -0.22 -12.59
CA LYS A 123 -0.76 -0.32 -14.04
C LYS A 123 -1.76 0.68 -14.62
N MET A 124 -2.60 1.28 -13.78
CA MET A 124 -3.60 2.22 -14.23
C MET A 124 -3.30 3.66 -13.84
N ILE A 125 -2.24 3.91 -13.10
CA ILE A 125 -1.83 5.29 -12.89
C ILE A 125 -1.35 5.86 -14.22
N PRO A 126 -1.77 7.07 -14.59
CA PRO A 126 -1.29 7.67 -15.84
C PRO A 126 0.22 7.83 -15.84
N GLY A 127 0.83 7.44 -16.96
CA GLY A 127 2.26 7.50 -17.13
C GLY A 127 3.04 6.32 -16.61
N PHE A 128 2.43 5.47 -15.78
CA PHE A 128 3.17 4.36 -15.18
C PHE A 128 3.49 3.30 -16.22
N ARG A 129 2.47 2.91 -17.01
CA ARG A 129 2.66 1.94 -18.09
C ARG A 129 3.86 2.27 -18.98
N ASP A 130 4.13 3.57 -19.18
CA ASP A 130 5.17 4.02 -20.10
C ASP A 130 6.56 4.05 -19.49
N LEU A 131 6.70 3.81 -18.19
CA LEU A 131 8.04 3.57 -17.66
C LEU A 131 8.56 2.23 -18.17
N THR A 132 9.86 2.05 -18.01
CA THR A 132 10.49 0.78 -18.35
C THR A 132 10.12 -0.28 -17.30
N ALA A 133 10.07 -1.54 -17.71
CA ALA A 133 9.62 -2.58 -16.79
C ALA A 133 10.53 -2.67 -15.56
N GLU A 134 11.81 -2.35 -15.72
CA GLU A 134 12.72 -2.37 -14.57
C GLU A 134 12.31 -1.33 -13.54
N ASP A 135 11.98 -0.12 -14.01
CA ASP A 135 11.56 0.95 -13.12
C ASP A 135 10.26 0.59 -12.40
N GLN A 136 9.31 0.05 -13.17
CA GLN A 136 8.06 -0.42 -12.58
C GLN A 136 8.32 -1.44 -11.46
N ILE A 137 9.26 -2.37 -11.67
CA ILE A 137 9.57 -3.36 -10.64
C ILE A 137 10.19 -2.70 -9.42
N ALA A 138 11.11 -1.76 -9.62
CA ALA A 138 11.80 -1.13 -8.50
C ALA A 138 10.84 -0.36 -7.61
N LEU A 139 9.91 0.38 -8.22
CA LEU A 139 8.91 1.14 -7.47
C LEU A 139 7.97 0.22 -6.70
N LEU A 140 7.53 -0.85 -7.36
CA LEU A 140 6.67 -1.81 -6.68
C LEU A 140 7.40 -2.50 -5.53
N LYS A 141 8.61 -3.01 -5.77
CA LYS A 141 9.31 -3.72 -4.70
C LYS A 141 9.55 -2.82 -3.50
N SER A 142 9.91 -1.55 -3.73
CA SER A 142 10.21 -0.69 -2.60
C SER A 142 8.95 -0.16 -1.94
N SER A 143 7.87 0.05 -2.70
CA SER A 143 6.71 0.71 -2.14
C SER A 143 5.58 -0.24 -1.75
N ALA A 144 5.69 -1.53 -2.09
CA ALA A 144 4.57 -2.45 -1.96
C ALA A 144 3.98 -2.44 -0.56
N ILE A 145 4.83 -2.63 0.46
CA ILE A 145 4.27 -2.71 1.81
C ILE A 145 3.66 -1.37 2.23
N GLU A 146 4.10 -0.26 1.64
CA GLU A 146 3.55 1.04 1.97
C GLU A 146 2.14 1.21 1.42
N ILE A 147 1.95 0.92 0.13
CA ILE A 147 0.61 1.03 -0.45
C ILE A 147 -0.34 0.08 0.26
N ILE A 148 0.18 -1.04 0.73
CA ILE A 148 -0.67 -1.96 1.47
C ILE A 148 -1.11 -1.32 2.78
N MET A 149 -0.16 -0.73 3.51
CA MET A 149 -0.51 -0.05 4.75
C MET A 149 -1.48 1.10 4.49
N LEU A 150 -1.38 1.74 3.33
CA LEU A 150 -2.28 2.84 3.00
C LEU A 150 -3.68 2.32 2.68
N ARG A 151 -3.80 1.50 1.64
CA ARG A 151 -5.11 1.01 1.23
C ARG A 151 -5.80 0.27 2.36
N SER A 152 -5.03 -0.31 3.28
CA SER A 152 -5.62 -1.05 4.39
C SER A 152 -6.41 -0.17 5.32
N ASN A 153 -6.21 1.16 5.28
CA ASN A 153 -6.95 2.05 6.18
C ASN A 153 -8.44 1.98 5.93
N GLN A 154 -8.85 1.63 4.71
CA GLN A 154 -10.25 1.61 4.32
C GLN A 154 -11.07 0.57 5.10
N SER A 155 -10.42 -0.49 5.59
CA SER A 155 -11.06 -1.48 6.44
C SER A 155 -10.78 -1.27 7.92
N PHE A 156 -9.77 -0.48 8.24
CA PHE A 156 -9.45 -0.15 9.61
C PHE A 156 -10.61 0.63 10.19
N SER A 157 -10.81 0.46 11.50
CA SER A 157 -11.92 1.09 12.19
C SER A 157 -11.49 1.44 13.61
N LEU A 158 -11.92 2.63 14.06
CA LEU A 158 -11.48 3.24 15.32
C LEU A 158 -12.21 2.66 16.52
N GLU A 159 -13.43 2.14 16.30
CA GLU A 159 -14.23 1.55 17.37
C GLU A 159 -13.62 0.25 17.88
N ASP A 160 -13.23 -0.64 16.98
CA ASP A 160 -12.55 -1.89 17.30
C ASP A 160 -11.03 -1.78 17.34
N MET A 161 -10.46 -0.67 16.83
CA MET A 161 -9.02 -0.48 16.69
C MET A 161 -8.34 -1.71 16.10
N SER A 162 -8.92 -2.18 15.00
CA SER A 162 -8.43 -3.33 14.24
C SER A 162 -8.91 -3.13 12.81
N TRP A 163 -8.57 -4.09 11.94
CA TRP A 163 -9.05 -4.06 10.56
C TRP A 163 -10.19 -5.06 10.50
N SER A 164 -11.39 -4.57 10.24
CA SER A 164 -12.56 -5.44 10.21
C SER A 164 -12.99 -5.58 8.75
N CYS A 165 -12.53 -6.67 8.10
CA CYS A 165 -12.96 -7.02 6.76
C CYS A 165 -13.99 -8.14 6.84
N GLY A 166 -14.91 -8.14 5.86
CA GLY A 166 -15.93 -9.18 5.75
C GLY A 166 -16.69 -9.46 7.03
N GLY A 167 -16.45 -10.65 7.63
CA GLY A 167 -17.03 -11.04 8.89
C GLY A 167 -16.10 -10.85 10.09
N PRO A 168 -16.30 -11.62 11.15
CA PRO A 168 -15.39 -11.56 12.31
C PRO A 168 -14.23 -12.54 12.30
N ASP A 169 -14.24 -13.55 11.42
CA ASP A 169 -13.05 -14.37 11.20
C ASP A 169 -11.94 -13.59 10.51
N PHE A 170 -12.31 -12.50 9.81
CA PHE A 170 -11.40 -11.62 9.07
C PHE A 170 -11.23 -10.27 9.74
N LYS A 171 -11.34 -10.23 11.07
CA LYS A 171 -11.02 -9.02 11.82
C LYS A 171 -9.70 -9.25 12.54
N TYR A 172 -8.70 -8.44 12.21
CA TYR A 172 -7.34 -8.62 12.66
C TYR A 172 -7.02 -7.55 13.68
N CYS A 173 -7.03 -7.91 14.96
CA CYS A 173 -6.51 -7.01 15.97
C CYS A 173 -5.00 -7.17 16.02
N ILE A 174 -4.33 -6.41 16.91
CA ILE A 174 -2.88 -6.39 16.92
C ILE A 174 -2.33 -7.75 17.32
N ASN A 175 -3.08 -8.53 18.08
CA ASN A 175 -2.53 -9.80 18.52
C ASN A 175 -2.63 -10.87 17.44
N ASP A 176 -3.48 -10.66 16.44
CA ASP A 176 -3.46 -11.55 15.29
C ASP A 176 -2.17 -11.38 14.49
N VAL A 177 -1.74 -10.14 14.28
CA VAL A 177 -0.54 -9.92 13.49
C VAL A 177 0.70 -10.34 14.25
N THR A 178 0.65 -10.35 15.59
CA THR A 178 1.78 -10.89 16.33
C THR A 178 1.93 -12.38 16.05
N LYS A 179 0.80 -13.08 15.88
CA LYS A 179 0.79 -14.50 15.55
C LYS A 179 1.16 -14.76 14.08
N ALA A 180 1.53 -13.72 13.33
CA ALA A 180 2.14 -13.90 12.03
C ALA A 180 3.61 -13.51 12.05
N GLY A 181 4.19 -13.43 13.25
CA GLY A 181 5.61 -13.16 13.41
C GLY A 181 6.04 -11.71 13.31
N HIS A 182 5.42 -10.79 14.08
CA HIS A 182 5.83 -9.39 14.14
C HIS A 182 5.70 -8.88 15.57
N THR A 183 6.65 -8.01 15.97
CA THR A 183 6.78 -7.47 17.33
C THR A 183 6.22 -6.05 17.43
N LEU A 184 5.74 -5.71 18.62
CA LEU A 184 5.00 -4.46 18.84
C LEU A 184 5.71 -3.22 18.31
N GLU A 185 7.04 -3.20 18.17
CA GLU A 185 7.66 -2.00 17.65
C GLU A 185 7.43 -1.82 16.16
N LEU A 186 6.98 -2.85 15.45
CA LEU A 186 6.35 -2.56 14.17
C LEU A 186 4.89 -2.17 14.34
N LEU A 187 4.15 -2.88 15.18
CA LEU A 187 2.70 -2.74 15.10
C LEU A 187 2.15 -1.54 15.86
N GLU A 188 2.83 -1.04 16.89
CA GLU A 188 2.29 0.20 17.51
C GLU A 188 2.40 1.38 16.55
N PRO A 189 3.56 1.68 15.93
CA PRO A 189 3.55 2.77 14.95
C PRO A 189 2.62 2.47 13.79
N LEU A 190 2.34 1.19 13.52
CA LEU A 190 1.42 0.85 12.44
C LEU A 190 -0.01 1.25 12.79
N VAL A 191 -0.50 0.84 13.96
CA VAL A 191 -1.88 1.16 14.29
C VAL A 191 -2.02 2.66 14.53
N LYS A 192 -0.98 3.30 15.07
CA LYS A 192 -1.02 4.75 15.25
C LYS A 192 -1.03 5.45 13.90
N PHE A 193 -0.22 4.97 12.96
CA PHE A 193 -0.32 5.46 11.59
C PHE A 193 -1.77 5.40 11.13
N GLN A 194 -2.41 4.25 11.34
CA GLN A 194 -3.75 4.04 10.80
C GLN A 194 -4.79 4.91 11.52
N VAL A 195 -4.56 5.30 12.77
CA VAL A 195 -5.56 6.13 13.44
C VAL A 195 -5.34 7.59 13.11
N GLY A 196 -4.08 8.01 13.14
CA GLY A 196 -3.74 9.33 12.64
C GLY A 196 -4.28 9.58 11.25
N LEU A 197 -4.13 8.59 10.36
CA LEU A 197 -4.67 8.72 9.00
C LEU A 197 -6.18 8.57 8.98
N LYS A 198 -6.73 7.76 9.90
CA LYS A 198 -8.17 7.68 9.96
C LYS A 198 -8.77 8.98 10.45
N LYS A 199 -8.04 9.70 11.30
CA LYS A 199 -8.53 10.98 11.79
C LYS A 199 -8.43 12.09 10.73
N LEU A 200 -7.47 11.99 9.79
CA LEU A 200 -7.41 12.97 8.70
C LEU A 200 -8.64 12.92 7.81
N LYS A 201 -9.45 11.86 7.89
CA LYS A 201 -10.72 11.70 7.19
C LYS A 201 -10.63 12.15 5.72
N LEU A 202 -9.72 11.50 5.00
CA LEU A 202 -9.49 11.78 3.59
C LEU A 202 -10.74 11.52 2.76
N HIS A 203 -10.89 12.30 1.70
CA HIS A 203 -11.81 11.94 0.64
C HIS A 203 -11.22 10.79 -0.17
N GLU A 204 -12.10 10.06 -0.88
CA GLU A 204 -11.64 9.03 -1.78
C GLU A 204 -10.58 9.56 -2.72
N GLU A 205 -10.73 10.81 -3.16
CA GLU A 205 -9.80 11.38 -4.13
C GLU A 205 -8.43 11.59 -3.51
N GLU A 206 -8.37 12.09 -2.28
CA GLU A 206 -7.08 12.28 -1.64
C GLU A 206 -6.44 10.94 -1.30
N HIS A 207 -7.26 9.95 -0.99
CA HIS A 207 -6.76 8.61 -0.67
C HIS A 207 -6.07 7.97 -1.87
N VAL A 208 -6.74 7.92 -3.03
CA VAL A 208 -6.09 7.33 -4.19
C VAL A 208 -4.87 8.14 -4.60
N LEU A 209 -4.95 9.47 -4.47
CA LEU A 209 -3.80 10.31 -4.83
C LEU A 209 -2.60 9.98 -3.96
N LEU A 210 -2.81 9.91 -2.65
CA LEU A 210 -1.68 9.65 -1.75
C LEU A 210 -1.03 8.30 -2.07
N MET A 211 -1.82 7.31 -2.47
CA MET A 211 -1.23 6.04 -2.92
C MET A 211 -0.43 6.25 -4.19
N ALA A 212 -1.07 6.74 -5.25
CA ALA A 212 -0.37 7.02 -6.49
C ALA A 212 0.89 7.82 -6.26
N ILE A 213 0.87 8.74 -5.30
CA ILE A 213 2.05 9.56 -5.05
C ILE A 213 3.11 8.74 -4.33
N CYS A 214 2.73 8.05 -3.25
CA CYS A 214 3.68 7.20 -2.55
C CYS A 214 4.36 6.23 -3.51
N LEU A 215 3.57 5.62 -4.39
CA LEU A 215 4.11 4.60 -5.29
C LEU A 215 5.08 5.21 -6.30
N LEU A 216 4.73 6.37 -6.88
CA LEU A 216 5.59 7.01 -7.87
C LEU A 216 6.66 7.90 -7.24
N SER A 217 7.13 7.55 -6.30
CA SER A 217 8.23 8.24 -5.66
C SER A 217 9.57 7.79 -6.24
N PRO A 218 10.46 8.72 -6.63
CA PRO A 218 11.74 8.32 -7.23
C PRO A 218 12.88 8.09 -6.24
N ASP A 219 12.70 8.44 -4.96
CA ASP A 219 13.73 8.25 -3.94
C ASP A 219 13.79 6.80 -3.46
N ARG A 220 13.51 5.81 -4.38
CA ARG A 220 13.55 4.39 -4.16
C ARG A 220 14.92 3.81 -4.53
N PRO A 221 15.39 2.82 -3.77
CA PRO A 221 16.48 1.98 -4.26
C PRO A 221 16.16 1.39 -5.61
N GLY A 222 17.06 1.59 -6.56
CA GLY A 222 17.07 0.82 -7.77
C GLY A 222 16.38 1.43 -8.96
N VAL A 223 15.85 2.65 -8.84
CA VAL A 223 15.14 3.24 -9.96
C VAL A 223 16.13 4.00 -10.84
N GLN A 224 15.87 3.99 -12.14
CA GLN A 224 16.82 4.39 -13.17
C GLN A 224 16.51 5.78 -13.71
N ASP A 225 15.37 5.89 -14.40
CA ASP A 225 14.92 7.14 -15.00
C ASP A 225 14.34 8.01 -13.89
N HIS A 226 15.23 8.40 -12.99
CA HIS A 226 14.84 9.15 -11.81
C HIS A 226 14.04 10.39 -12.18
N VAL A 227 14.55 11.18 -13.13
CA VAL A 227 13.92 12.46 -13.40
C VAL A 227 12.49 12.30 -13.89
N ARG A 228 12.20 11.24 -14.65
CA ARG A 228 10.85 11.13 -15.22
C ARG A 228 9.83 10.81 -14.13
N ILE A 229 10.19 9.96 -13.18
CA ILE A 229 9.29 9.64 -12.09
C ILE A 229 9.06 10.85 -11.21
N GLU A 230 10.13 11.59 -10.89
CA GLU A 230 9.97 12.80 -10.08
C GLU A 230 9.01 13.77 -10.75
N ALA A 231 9.07 13.85 -12.08
CA ALA A 231 8.12 14.68 -12.83
C ALA A 231 6.69 14.23 -12.56
N LEU A 232 6.41 12.95 -12.81
CA LEU A 232 5.06 12.40 -12.67
C LEU A 232 4.56 12.48 -11.23
N GLN A 233 5.46 12.27 -10.26
CA GLN A 233 5.06 12.37 -8.86
C GLN A 233 4.61 13.79 -8.54
N ASP A 234 5.43 14.77 -8.93
CA ASP A 234 5.08 16.17 -8.66
C ASP A 234 3.79 16.56 -9.35
N ARG A 235 3.62 16.13 -10.60
CA ARG A 235 2.39 16.46 -11.31
C ARG A 235 1.16 15.92 -10.60
N LEU A 236 1.30 14.78 -9.89
CA LEU A 236 0.22 14.29 -9.05
C LEU A 236 0.11 15.05 -7.73
N CYS A 237 1.23 15.49 -7.16
CA CYS A 237 1.16 16.34 -5.96
C CYS A 237 0.42 17.64 -6.24
N ASP A 238 0.62 18.23 -7.42
CA ASP A 238 -0.08 19.46 -7.76
C ASP A 238 -1.59 19.23 -7.79
N VAL A 239 -2.02 18.09 -8.34
CA VAL A 239 -3.45 17.79 -8.39
C VAL A 239 -4.00 17.62 -6.98
N LEU A 240 -3.24 16.97 -6.10
CA LEU A 240 -3.67 16.81 -4.72
C LEU A 240 -3.82 18.17 -4.05
N GLN A 241 -2.71 18.90 -3.88
CA GLN A 241 -2.68 20.18 -3.19
C GLN A 241 -3.77 21.10 -3.76
N ALA A 242 -4.00 21.01 -5.07
CA ALA A 242 -5.06 21.77 -5.70
C ALA A 242 -6.43 21.24 -5.31
N TYR A 243 -6.62 19.91 -5.25
CA TYR A 243 -7.92 19.38 -4.84
C TYR A 243 -8.27 19.80 -3.42
N ILE A 244 -7.31 19.73 -2.49
CA ILE A 244 -7.60 20.11 -1.11
C ILE A 244 -7.98 21.58 -1.01
N ARG A 245 -7.28 22.46 -1.73
CA ARG A 245 -7.62 23.88 -1.63
C ARG A 245 -9.02 24.16 -2.15
N ILE A 246 -9.42 23.52 -3.24
CA ILE A 246 -10.70 23.85 -3.86
C ILE A 246 -11.83 23.07 -3.20
N GLN A 247 -11.64 21.76 -3.06
CA GLN A 247 -12.73 20.84 -2.76
C GLN A 247 -12.76 20.34 -1.33
N HIS A 248 -11.84 20.77 -0.46
CA HIS A 248 -11.83 20.31 0.93
C HIS A 248 -11.83 21.50 1.88
N PRO A 249 -12.97 21.77 2.53
CA PRO A 249 -13.00 22.83 3.55
C PRO A 249 -12.26 22.39 4.81
N GLY A 250 -11.49 23.32 5.36
CA GLY A 250 -10.67 23.00 6.51
C GLY A 250 -9.35 22.33 6.18
N GLY A 251 -9.01 22.23 4.90
CA GLY A 251 -7.83 21.50 4.48
C GLY A 251 -6.60 22.34 4.20
N ARG A 252 -6.44 23.43 4.95
CA ARG A 252 -5.29 24.29 4.70
C ARG A 252 -4.04 23.75 5.40
N LEU A 253 -4.22 22.78 6.30
CA LEU A 253 -3.11 22.06 6.91
C LEU A 253 -3.03 20.61 6.43
N LEU A 254 -3.97 20.18 5.57
CA LEU A 254 -4.09 18.76 5.25
C LEU A 254 -2.89 18.26 4.45
N TYR A 255 -2.59 18.94 3.34
CA TYR A 255 -1.51 18.52 2.46
C TYR A 255 -0.22 18.22 3.23
N ALA A 256 0.20 19.12 4.11
CA ALA A 256 1.40 18.84 4.90
C ALA A 256 1.21 17.61 5.78
N LYS A 257 -0.01 17.40 6.29
CA LYS A 257 -0.28 16.22 7.11
C LYS A 257 -0.18 14.94 6.30
N MET A 258 -0.50 15.02 5.01
CA MET A 258 -0.39 13.87 4.14
C MET A 258 1.07 13.53 3.85
N ILE A 259 1.86 14.54 3.49
CA ILE A 259 3.29 14.32 3.28
C ILE A 259 3.93 13.75 4.55
N GLN A 260 3.47 14.19 5.71
CA GLN A 260 4.01 13.60 6.93
C GLN A 260 3.61 12.14 7.07
N LYS A 261 2.43 11.75 6.56
CA LYS A 261 2.08 10.34 6.58
C LYS A 261 2.99 9.53 5.64
N LEU A 262 3.39 10.12 4.51
CA LEU A 262 4.37 9.46 3.65
C LEU A 262 5.67 9.22 4.38
N ALA A 263 6.07 10.14 5.24
CA ALA A 263 7.30 9.95 6.00
C ALA A 263 7.14 8.83 7.03
N ASP A 264 5.95 8.72 7.63
CA ASP A 264 5.70 7.62 8.56
C ASP A 264 5.71 6.28 7.84
N LEU A 265 5.14 6.25 6.62
CA LEU A 265 5.18 5.06 5.79
C LEU A 265 6.60 4.59 5.56
N ARG A 266 7.55 5.51 5.37
CA ARG A 266 8.94 5.11 5.20
C ARG A 266 9.48 4.46 6.46
N SER A 267 9.15 5.02 7.61
CA SER A 267 9.69 4.50 8.85
C SER A 267 9.13 3.11 9.12
N LEU A 268 7.83 2.95 8.87
CA LEU A 268 7.19 1.63 8.90
C LEU A 268 7.83 0.69 7.90
N ASN A 269 8.03 1.15 6.66
CA ASN A 269 8.63 0.32 5.62
C ASN A 269 9.90 -0.34 6.11
N GLU A 270 10.72 0.40 6.83
CA GLU A 270 12.02 -0.11 7.22
C GLU A 270 11.93 -1.07 8.39
N GLU A 271 11.09 -0.77 9.38
CA GLU A 271 10.85 -1.70 10.46
C GLU A 271 10.31 -3.02 9.93
N HIS A 272 9.31 -2.95 9.05
CA HIS A 272 8.76 -4.15 8.45
C HIS A 272 9.81 -4.88 7.61
N SER A 273 10.58 -4.15 6.79
CA SER A 273 11.61 -4.81 6.00
C SER A 273 12.64 -5.49 6.88
N LYS A 274 12.88 -4.96 8.07
CA LYS A 274 13.87 -5.58 8.96
C LYS A 274 13.30 -6.86 9.57
N GLN A 275 12.07 -6.80 10.07
CA GLN A 275 11.48 -7.94 10.74
C GLN A 275 11.18 -9.06 9.74
N TYR A 276 10.70 -8.72 8.54
CA TYR A 276 10.52 -9.71 7.50
C TYR A 276 11.84 -10.38 7.14
N ARG A 277 12.93 -9.63 7.10
CA ARG A 277 14.24 -10.24 6.84
C ARG A 277 14.48 -11.36 7.84
N SER A 278 14.41 -11.04 9.13
CA SER A 278 14.59 -12.05 10.17
C SER A 278 13.67 -13.24 9.97
N LEU A 279 12.47 -13.00 9.45
CA LEU A 279 11.49 -14.07 9.31
C LEU A 279 11.75 -14.89 8.06
N SER A 280 12.07 -14.23 6.94
CA SER A 280 12.28 -14.92 5.68
C SER A 280 13.56 -15.75 5.67
N PHE A 281 14.44 -15.59 6.66
CA PHE A 281 15.68 -16.35 6.76
C PHE A 281 15.53 -17.54 7.69
N GLN A 282 14.30 -17.93 7.99
CA GLN A 282 14.02 -19.14 8.77
C GLN A 282 13.02 -19.97 7.97
N PRO A 283 13.47 -21.07 7.35
CA PRO A 283 12.62 -21.74 6.34
C PRO A 283 11.34 -22.40 6.87
N GLU A 284 11.26 -22.71 8.17
CA GLU A 284 9.99 -23.13 8.79
C GLU A 284 8.91 -22.07 8.63
N HIS A 285 9.33 -20.82 8.50
CA HIS A 285 8.40 -19.72 8.36
C HIS A 285 8.30 -19.24 6.92
N SER A 286 9.42 -19.19 6.19
CA SER A 286 9.31 -18.72 4.82
C SER A 286 8.61 -19.71 3.91
N MET A 287 8.52 -20.99 4.30
CA MET A 287 7.72 -21.93 3.52
C MET A 287 6.24 -21.63 3.63
N GLN A 288 5.83 -20.83 4.60
CA GLN A 288 4.45 -20.40 4.72
C GLN A 288 4.12 -19.23 3.78
N LEU A 289 5.13 -18.53 3.26
CA LEU A 289 4.89 -17.40 2.37
C LEU A 289 4.45 -17.88 0.98
N THR A 290 4.10 -16.93 0.13
CA THR A 290 3.73 -17.31 -1.23
C THR A 290 4.86 -16.94 -2.19
N PRO A 291 4.94 -17.63 -3.34
CA PRO A 291 5.89 -17.20 -4.37
C PRO A 291 5.94 -15.70 -4.63
N LEU A 292 4.77 -15.03 -4.69
CA LEU A 292 4.74 -13.61 -5.03
C LEU A 292 5.36 -12.77 -3.93
N VAL A 293 4.92 -12.97 -2.69
CA VAL A 293 5.50 -12.29 -1.54
C VAL A 293 7.03 -12.44 -1.54
N LEU A 294 7.52 -13.68 -1.67
CA LEU A 294 8.95 -13.92 -1.63
C LEU A 294 9.67 -13.09 -2.68
N GLU A 295 9.05 -12.97 -3.85
CA GLU A 295 9.65 -12.26 -4.97
C GLU A 295 9.67 -10.75 -4.72
N VAL A 296 8.55 -10.19 -4.24
CA VAL A 296 8.43 -8.74 -4.12
C VAL A 296 9.21 -8.21 -2.91
N PHE A 297 9.19 -8.94 -1.80
CA PHE A 297 9.93 -8.56 -0.60
C PHE A 297 11.33 -9.15 -0.57
N GLY A 298 11.69 -9.93 -1.58
CA GLY A 298 13.02 -10.49 -1.64
C GLY A 298 14.03 -9.43 -2.02
N SER A 299 15.23 -9.90 -2.33
CA SER A 299 16.33 -9.00 -2.53
C SER A 299 17.02 -9.13 -3.88
N GLU A 300 17.04 -10.31 -4.50
CA GLU A 300 17.83 -10.49 -5.73
C GLU A 300 17.14 -9.80 -6.90
N VAL A 301 17.41 -8.51 -7.04
CA VAL A 301 16.86 -7.71 -8.14
C VAL A 301 17.86 -7.57 -9.29
N ARG B 1 15.65 -11.62 -10.99
CA ARG B 1 14.49 -12.49 -11.13
C ARG B 1 13.25 -11.69 -11.58
N HIS B 2 12.17 -11.84 -10.81
CA HIS B 2 10.90 -11.15 -11.00
C HIS B 2 10.11 -11.73 -12.16
N LYS B 3 10.10 -13.06 -12.25
CA LYS B 3 9.29 -13.76 -13.25
C LYS B 3 7.81 -13.42 -13.08
N ILE B 4 7.29 -13.59 -11.86
CA ILE B 4 5.87 -13.35 -11.60
C ILE B 4 5.54 -11.87 -11.76
N LEU B 5 6.33 -11.01 -11.10
CA LEU B 5 6.14 -9.57 -11.21
C LEU B 5 6.05 -9.10 -12.66
N HIS B 6 7.04 -9.51 -13.47
CA HIS B 6 7.12 -9.00 -14.83
C HIS B 6 5.90 -9.44 -15.64
N ARG B 7 5.40 -10.63 -15.35
CA ARG B 7 4.27 -11.12 -16.13
C ARG B 7 2.97 -10.48 -15.70
N LEU B 8 2.81 -10.24 -14.40
CA LEU B 8 1.62 -9.55 -13.91
C LEU B 8 1.50 -8.16 -14.50
N LEU B 9 2.64 -7.51 -14.77
CA LEU B 9 2.66 -6.22 -15.45
C LEU B 9 2.45 -6.34 -16.96
N GLN B 10 2.08 -7.53 -17.45
CA GLN B 10 1.84 -7.84 -18.87
C GLN B 10 3.13 -7.81 -19.67
O3 9CW C . -4.99 -4.69 1.02
C25 9CW C . -5.79 -4.51 2.19
C24 9CW C . -7.17 -5.09 1.99
C23 9CW C . -7.95 -4.76 3.25
O2 9CW C . -7.94 -3.35 3.46
C22 9CW C . -7.34 -5.46 4.45
C26 9CW C . -5.09 -5.20 3.34
C27 9CW C . -3.90 -5.74 3.16
C21 9CW C . -5.85 -5.29 4.59
C20 9CW C . -5.24 -5.34 5.80
C19 9CW C . -3.86 -5.18 6.08
C15 9CW C . -3.28 -5.32 7.28
C2 9CW C . -1.80 -5.12 7.53
C16 9CW C . -4.04 -5.79 8.49
C17 9CW C . -3.45 -7.10 9.04
C18 9CW C . -1.94 -6.96 9.20
C1 9CW C . -1.24 -6.52 7.90
C 9CW C . -1.57 -7.51 6.77
C5 9CW C . 0.27 -6.15 7.99
C4 9CW C . 0.52 -5.33 6.71
C3 9CW C . -0.83 -4.61 6.45
C6 9CW C . 1.34 -7.20 8.33
C14 9CW C . 2.62 -6.57 8.85
C7 9CW C . 1.63 -8.13 7.14
C13 9CW C . 0.97 -9.50 7.28
C12 9CW C . 2.05 -10.49 6.84
C8 9CW C . 3.36 -9.78 7.13
O 9CW C . 3.04 -8.39 6.92
C9 9CW C . 4.58 -10.26 6.32
C11 9CW C . 4.44 -9.86 4.87
O1 9CW C . 5.81 -9.68 6.82
C10 9CW C . 4.71 -11.77 6.44
#